data_6KSD
#
_entry.id   6KSD
#
_cell.length_a   95.750
_cell.length_b   95.750
_cell.length_c   199.802
_cell.angle_alpha   90.000
_cell.angle_beta   90.000
_cell.angle_gamma   120.000
#
_symmetry.space_group_name_H-M   'P 61 2 2'
#
loop_
_entity.id
_entity.type
_entity.pdbx_description
1 polymer 'DNA ligase A'
2 non-polymer 'BETA-NICOTINAMIDE RIBOSE MONOPHOSPHATE'
3 non-polymer 'SULFATE ION'
4 water water
#
_entity_poly.entity_id   1
_entity_poly.type   'polypeptide(L)'
_entity_poly.pdbx_seq_one_letter_code
;QTAPEVLRQWQALAEEVREHQFRYYVRDAPIISDAEFDELLRRLEALEEQHPELRTPDSPTQLVGGAGFATDFEPVDHLE
RMLSLDNAFTADELAAWAGRIHAEVGDAAHYLCELAIDGVALSLVYREGRLTRASTRGDGRTGEDVTLNARTIADVPERL
TPGDDYPVPEVLEVRGEVFFRLDDFQALNASLVEEGKAPFANPRNSAAGSLRQKDPAVTARRRLRMICHGLGHVEGFRPA
TLHQAYLALRAWGLPVSEHTTLATDLAGVRERIDYWGEHRHEVDHEIDGVVVKVDEVALQRRLGSTSRAPRWAIAYKYPP
E
;
_entity_poly.pdbx_strand_id   A
#
# COMPACT_ATOMS: atom_id res chain seq x y z
N GLN A 1 -39.32 8.98 -12.69
CA GLN A 1 -38.46 9.54 -11.64
C GLN A 1 -37.13 10.03 -12.21
N THR A 2 -36.13 9.15 -12.22
CA THR A 2 -34.81 9.51 -12.72
C THR A 2 -34.57 8.55 -13.88
N ALA A 3 -34.03 9.05 -14.99
CA ALA A 3 -33.63 8.18 -16.08
C ALA A 3 -32.30 7.51 -15.85
N PRO A 4 -32.09 6.34 -16.52
CA PRO A 4 -30.80 5.67 -16.36
C PRO A 4 -29.62 6.58 -16.71
N GLU A 5 -29.75 7.37 -17.78
CA GLU A 5 -28.69 8.27 -18.19
C GLU A 5 -28.55 9.43 -17.21
N VAL A 6 -29.64 9.80 -16.58
CA VAL A 6 -29.59 10.89 -15.61
C VAL A 6 -28.65 10.52 -14.49
N LEU A 7 -28.85 9.33 -13.92
CA LEU A 7 -28.03 8.85 -12.82
C LEU A 7 -26.58 8.61 -13.25
N ARG A 8 -26.38 8.10 -14.46
CA ARG A 8 -25.04 7.85 -14.95
C ARG A 8 -24.26 9.15 -15.09
N GLN A 9 -24.89 10.15 -15.70
CA GLN A 9 -24.25 11.43 -15.89
C GLN A 9 -23.90 12.05 -14.55
N TRP A 10 -24.84 12.01 -13.62
CA TRP A 10 -24.64 12.61 -12.30
C TRP A 10 -23.51 11.98 -11.50
N GLN A 11 -23.50 10.66 -11.42
CA GLN A 11 -22.47 9.95 -10.69
C GLN A 11 -21.09 10.19 -11.31
N ALA A 12 -21.04 10.18 -12.62
CA ALA A 12 -19.79 10.40 -13.32
C ALA A 12 -19.24 11.76 -12.98
N LEU A 13 -20.07 12.79 -13.14
CA LEU A 13 -19.67 14.16 -12.87
C LEU A 13 -19.38 14.39 -11.39
N ALA A 14 -20.21 13.82 -10.51
CA ALA A 14 -19.99 14.02 -9.09
C ALA A 14 -18.63 13.47 -8.72
N GLU A 15 -18.33 12.26 -9.18
CA GLU A 15 -17.06 11.62 -8.87
C GLU A 15 -15.87 12.44 -9.34
N GLU A 16 -15.92 12.94 -10.56
CA GLU A 16 -14.83 13.75 -11.09
C GLU A 16 -14.63 15.00 -10.25
N VAL A 17 -15.72 15.70 -9.95
CA VAL A 17 -15.64 16.92 -9.17
C VAL A 17 -15.17 16.64 -7.75
N ARG A 18 -15.66 15.55 -7.17
CA ARG A 18 -15.31 15.19 -5.80
C ARG A 18 -13.82 14.96 -5.67
N GLU A 19 -13.28 14.27 -6.68
CA GLU A 19 -11.87 13.93 -6.71
C GLU A 19 -10.99 15.15 -6.86
N HIS A 20 -11.40 16.10 -7.69
CA HIS A 20 -10.61 17.30 -7.87
C HIS A 20 -10.65 18.10 -6.59
N GLN A 21 -11.75 17.99 -5.85
CA GLN A 21 -11.85 18.68 -4.57
C GLN A 21 -10.78 18.11 -3.66
N PHE A 22 -10.64 16.80 -3.70
CA PHE A 22 -9.64 16.12 -2.87
C PHE A 22 -8.23 16.58 -3.20
N ARG A 23 -7.88 16.61 -4.47
CA ARG A 23 -6.54 17.02 -4.85
C ARG A 23 -6.26 18.49 -4.49
N TYR A 24 -7.17 19.40 -4.82
CA TYR A 24 -6.97 20.80 -4.49
C TYR A 24 -6.98 21.12 -2.99
N TYR A 25 -7.90 20.55 -2.23
CA TYR A 25 -8.00 20.85 -0.81
C TYR A 25 -7.11 19.97 0.05
N VAL A 26 -7.33 18.66 0.03
CA VAL A 26 -6.49 17.77 0.82
C VAL A 26 -5.01 17.71 0.38
N ARG A 27 -4.74 17.22 -0.83
CA ARG A 27 -3.38 17.05 -1.25
C ARG A 27 -2.64 18.32 -1.62
N ASP A 28 -3.39 19.41 -1.79
CA ASP A 28 -2.85 20.71 -2.20
C ASP A 28 -2.07 20.57 -3.51
N ALA A 29 -2.58 19.74 -4.42
CA ALA A 29 -1.93 19.52 -5.70
C ALA A 29 -2.94 19.16 -6.79
N PRO A 30 -3.64 20.17 -7.35
CA PRO A 30 -4.63 19.87 -8.38
C PRO A 30 -4.01 19.50 -9.72
N ILE A 31 -4.65 18.63 -10.49
CA ILE A 31 -4.10 18.21 -11.76
C ILE A 31 -4.78 18.84 -12.97
N ILE A 32 -5.69 19.79 -12.71
CA ILE A 32 -6.38 20.52 -13.77
C ILE A 32 -6.45 22.00 -13.38
N SER A 33 -6.59 22.89 -14.34
CA SER A 33 -6.66 24.31 -14.00
C SER A 33 -7.92 24.65 -13.21
N ASP A 34 -7.86 25.73 -12.44
CA ASP A 34 -9.00 26.14 -11.64
C ASP A 34 -10.19 26.48 -12.52
N ALA A 35 -9.94 27.12 -13.64
CA ALA A 35 -10.97 27.44 -14.59
C ALA A 35 -11.74 26.18 -14.97
N GLU A 36 -11.05 25.09 -15.27
CA GLU A 36 -11.76 23.89 -15.69
C GLU A 36 -12.65 23.37 -14.57
N PHE A 37 -12.14 23.42 -13.35
CA PHE A 37 -12.88 22.93 -12.19
C PHE A 37 -14.19 23.68 -12.04
N ASP A 38 -14.14 24.98 -12.29
CA ASP A 38 -15.32 25.82 -12.20
C ASP A 38 -16.37 25.36 -13.21
N GLU A 39 -15.91 24.94 -14.38
CA GLU A 39 -16.82 24.45 -15.40
C GLU A 39 -17.55 23.24 -14.88
N LEU A 40 -16.79 22.27 -14.38
CA LEU A 40 -17.36 21.04 -13.86
C LEU A 40 -18.34 21.31 -12.73
N LEU A 41 -17.95 22.16 -11.78
CA LEU A 41 -18.81 22.46 -10.66
C LEU A 41 -20.14 23.04 -11.09
N ARG A 42 -20.10 23.93 -12.08
CA ARG A 42 -21.32 24.57 -12.57
C ARG A 42 -22.25 23.52 -13.14
N ARG A 43 -21.69 22.64 -13.97
CA ARG A 43 -22.47 21.60 -14.61
C ARG A 43 -23.16 20.77 -13.56
N LEU A 44 -22.43 20.39 -12.52
CA LEU A 44 -22.99 19.58 -11.45
C LEU A 44 -24.19 20.29 -10.85
N GLU A 45 -24.01 21.57 -10.52
CA GLU A 45 -25.09 22.35 -9.93
C GLU A 45 -26.24 22.47 -10.93
N ALA A 46 -25.90 22.61 -12.20
CA ALA A 46 -26.91 22.72 -13.24
C ALA A 46 -27.77 21.48 -13.22
N LEU A 47 -27.11 20.32 -13.25
CA LEU A 47 -27.79 19.04 -13.26
C LEU A 47 -28.66 18.91 -12.03
N GLU A 48 -28.17 19.39 -10.90
CA GLU A 48 -28.93 19.30 -9.67
C GLU A 48 -30.12 20.24 -9.73
N GLU A 49 -29.99 21.35 -10.45
CA GLU A 49 -31.13 22.22 -10.65
C GLU A 49 -32.11 21.45 -11.52
N GLN A 50 -31.60 20.88 -12.61
CA GLN A 50 -32.44 20.13 -13.55
C GLN A 50 -33.18 19.06 -12.78
N HIS A 51 -32.44 18.25 -12.03
CA HIS A 51 -33.04 17.19 -11.23
C HIS A 51 -32.83 17.35 -9.73
N PRO A 52 -33.86 17.84 -9.01
CA PRO A 52 -33.74 18.00 -7.55
C PRO A 52 -33.64 16.70 -6.76
N GLU A 53 -33.99 15.56 -7.35
CA GLU A 53 -33.92 14.29 -6.63
C GLU A 53 -32.49 13.97 -6.19
N LEU A 54 -31.54 14.28 -7.06
CA LEU A 54 -30.14 14.00 -6.82
C LEU A 54 -29.44 14.86 -5.77
N ARG A 55 -29.99 16.03 -5.52
CA ARG A 55 -29.42 16.96 -4.54
C ARG A 55 -29.51 16.32 -3.15
N THR A 56 -28.37 15.96 -2.56
CA THR A 56 -28.34 15.32 -1.25
C THR A 56 -27.31 16.00 -0.32
N PRO A 57 -27.35 15.71 0.98
CA PRO A 57 -26.34 16.37 1.82
C PRO A 57 -24.91 15.91 1.54
N ASP A 58 -24.75 14.71 0.98
CA ASP A 58 -23.43 14.16 0.69
C ASP A 58 -22.89 14.53 -0.68
N SER A 59 -23.71 15.19 -1.49
CA SER A 59 -23.29 15.60 -2.82
C SER A 59 -22.23 16.69 -2.75
N PRO A 60 -21.21 16.63 -3.64
CA PRO A 60 -20.18 17.68 -3.69
C PRO A 60 -20.74 19.11 -3.73
N THR A 61 -21.79 19.30 -4.52
CA THR A 61 -22.42 20.61 -4.65
C THR A 61 -23.11 21.12 -3.39
N GLN A 62 -23.84 20.28 -2.67
CA GLN A 62 -24.56 20.77 -1.49
C GLN A 62 -24.20 20.09 -0.16
N LEU A 63 -23.76 20.88 0.84
CA LEU A 63 -23.35 20.54 2.24
C LEU A 63 -21.90 20.06 2.45
N VAL A 64 -21.13 19.84 1.39
CA VAL A 64 -19.71 19.50 1.54
C VAL A 64 -18.82 20.32 0.60
N GLY A 65 -19.31 21.49 0.15
CA GLY A 65 -18.64 22.45 -0.72
C GLY A 65 -17.27 22.77 -0.18
N GLY A 66 -17.22 23.25 1.05
CA GLY A 66 -15.96 23.59 1.69
C GLY A 66 -15.11 22.36 1.91
N ALA A 67 -15.46 21.51 2.88
CA ALA A 67 -14.63 20.34 3.17
C ALA A 67 -15.35 19.15 3.85
N GLY A 68 -15.34 17.97 3.25
CA GLY A 68 -15.96 16.82 3.90
C GLY A 68 -15.06 15.60 3.96
N PHE A 69 -13.75 15.83 3.99
CA PHE A 69 -12.78 14.73 4.00
C PHE A 69 -12.19 14.43 5.39
N ALA A 70 -12.60 13.33 6.02
CA ALA A 70 -12.06 12.96 7.31
C ALA A 70 -11.83 11.47 7.35
N THR A 71 -10.92 11.04 8.25
CA THR A 71 -10.59 9.64 8.43
C THR A 71 -11.03 9.20 9.82
N ASP A 72 -11.98 8.28 9.92
CA ASP A 72 -12.48 7.84 11.21
C ASP A 72 -11.98 6.47 11.64
N PHE A 73 -11.04 5.91 10.88
CA PHE A 73 -10.47 4.60 11.15
C PHE A 73 -11.48 3.49 11.35
N GLU A 74 -12.55 3.52 10.57
CA GLU A 74 -13.58 2.50 10.66
C GLU A 74 -12.99 1.13 10.32
N PRO A 75 -13.38 0.10 11.07
CA PRO A 75 -12.91 -1.24 10.75
C PRO A 75 -13.30 -1.67 9.34
N VAL A 76 -12.36 -2.17 8.54
CA VAL A 76 -12.68 -2.60 7.20
C VAL A 76 -12.09 -4.01 7.01
N ASP A 77 -12.77 -4.84 6.23
CA ASP A 77 -12.31 -6.21 6.02
C ASP A 77 -11.21 -6.30 4.98
N HIS A 78 -10.26 -7.21 5.18
CA HIS A 78 -9.20 -7.44 4.21
C HIS A 78 -9.72 -8.58 3.35
N LEU A 79 -9.47 -8.53 2.05
CA LEU A 79 -9.96 -9.57 1.17
C LEU A 79 -9.33 -10.93 1.47
N GLU A 80 -8.04 -10.95 1.76
CA GLU A 80 -7.37 -12.19 2.08
C GLU A 80 -6.80 -12.08 3.46
N ARG A 81 -6.60 -13.20 4.12
CA ARG A 81 -6.03 -13.17 5.46
C ARG A 81 -4.64 -12.54 5.27
N MET A 82 -4.35 -11.45 5.97
CA MET A 82 -3.06 -10.78 5.84
C MET A 82 -2.47 -11.14 7.20
N LEU A 83 -1.63 -12.16 7.26
CA LEU A 83 -1.03 -12.48 8.52
C LEU A 83 0.38 -11.97 8.65
N SER A 84 0.85 -11.84 9.89
CA SER A 84 2.20 -11.42 10.15
C SER A 84 3.08 -12.63 9.92
N LEU A 85 4.34 -12.39 9.62
CA LEU A 85 5.28 -13.45 9.30
C LEU A 85 6.06 -13.96 10.48
N ASP A 86 6.51 -15.22 10.44
CA ASP A 86 7.33 -15.76 11.52
C ASP A 86 8.73 -15.15 11.39
N ASN A 87 9.43 -14.96 12.49
CA ASN A 87 10.75 -14.37 12.41
C ASN A 87 11.83 -15.40 12.70
N ALA A 88 13.01 -15.20 12.12
CA ALA A 88 14.14 -16.09 12.37
C ALA A 88 15.36 -15.26 12.72
N PHE A 89 15.77 -15.21 13.98
CA PHE A 89 16.92 -14.43 14.39
C PHE A 89 18.26 -15.16 14.32
N THR A 90 18.27 -16.48 14.13
CA THR A 90 19.58 -17.17 14.06
C THR A 90 19.72 -18.04 12.82
N ALA A 91 20.95 -18.42 12.49
CA ALA A 91 21.23 -19.23 11.32
C ALA A 91 20.62 -20.60 11.49
N ASP A 92 20.64 -21.06 12.75
CA ASP A 92 20.08 -22.32 13.20
C ASP A 92 18.56 -22.28 13.07
N GLU A 93 17.93 -21.17 13.42
CA GLU A 93 16.50 -21.08 13.26
C GLU A 93 16.20 -21.14 11.76
N LEU A 94 17.09 -20.56 10.98
CA LEU A 94 17.00 -20.54 9.52
C LEU A 94 16.81 -21.99 9.05
N ALA A 95 17.64 -22.87 9.59
CA ALA A 95 18.00 -24.18 9.11
C ALA A 95 16.71 -25.01 9.09
N ALA A 96 15.97 -25.02 10.21
CA ALA A 96 14.70 -25.70 10.29
C ALA A 96 13.87 -25.11 9.19
N TRP A 97 13.74 -23.79 9.11
CA TRP A 97 12.91 -23.23 8.04
C TRP A 97 13.40 -23.61 6.65
N ALA A 98 14.70 -23.81 6.53
CA ALA A 98 15.26 -24.24 5.28
C ALA A 98 14.84 -25.66 4.87
N GLY A 99 15.18 -26.70 5.68
CA GLY A 99 14.99 -28.14 5.45
C GLY A 99 13.54 -28.59 5.36
N ARG A 100 12.76 -28.04 6.28
CA ARG A 100 11.33 -28.31 6.37
C ARG A 100 10.68 -27.96 5.05
N ILE A 101 11.09 -26.86 4.46
CA ILE A 101 10.54 -26.48 3.16
C ILE A 101 10.94 -27.51 2.11
N HIS A 102 12.19 -27.96 2.17
CA HIS A 102 12.69 -28.95 1.23
C HIS A 102 12.02 -30.30 1.43
N ALA A 103 11.52 -30.56 2.62
CA ALA A 103 10.84 -31.81 2.88
C ALA A 103 9.51 -31.75 2.13
N GLU A 104 8.72 -30.71 2.37
CA GLU A 104 7.43 -30.59 1.70
C GLU A 104 7.54 -30.18 0.23
N VAL A 105 8.15 -29.04 -0.07
CA VAL A 105 8.26 -28.56 -1.45
C VAL A 105 9.24 -29.32 -2.35
N GLY A 106 10.32 -29.82 -1.78
CA GLY A 106 11.26 -30.61 -2.57
C GLY A 106 12.49 -29.84 -3.04
N ASP A 107 12.94 -30.08 -4.27
CA ASP A 107 14.12 -29.40 -4.78
C ASP A 107 13.76 -28.19 -5.62
N ALA A 108 12.55 -28.11 -6.13
CA ALA A 108 12.17 -26.93 -6.94
C ALA A 108 11.65 -25.69 -6.19
N ALA A 109 12.34 -25.41 -5.09
CA ALA A 109 12.07 -24.31 -4.15
C ALA A 109 12.35 -22.86 -4.58
N HIS A 110 13.56 -22.50 -5.01
CA HIS A 110 13.82 -21.12 -5.49
C HIS A 110 13.35 -19.92 -4.63
N TYR A 111 13.95 -19.72 -3.47
CA TYR A 111 13.54 -18.63 -2.56
C TYR A 111 13.79 -17.16 -3.01
N LEU A 112 12.81 -16.27 -2.84
CA LEU A 112 12.94 -14.86 -3.19
C LEU A 112 13.43 -14.13 -1.95
N CYS A 113 14.37 -13.20 -2.12
CA CYS A 113 14.91 -12.45 -1.00
C CYS A 113 14.54 -10.98 -1.13
N GLU A 114 14.03 -10.38 -0.07
CA GLU A 114 13.64 -8.98 -0.09
C GLU A 114 14.04 -8.33 1.23
N LEU A 115 14.42 -7.07 1.18
CA LEU A 115 14.82 -6.38 2.38
C LEU A 115 13.59 -6.11 3.22
N ALA A 116 13.72 -6.19 4.55
CA ALA A 116 12.58 -5.95 5.43
C ALA A 116 12.57 -4.52 5.92
N ILE A 117 11.56 -3.73 5.57
CA ILE A 117 11.49 -2.35 6.00
C ILE A 117 10.76 -2.19 7.34
N ASP A 118 11.27 -1.36 8.25
CA ASP A 118 10.64 -1.14 9.54
C ASP A 118 9.73 0.10 9.64
N GLY A 119 8.51 -0.01 9.11
CA GLY A 119 7.53 1.08 9.16
C GLY A 119 6.14 0.56 9.58
N VAL A 120 5.11 0.78 8.75
CA VAL A 120 3.77 0.28 9.06
C VAL A 120 3.21 -0.49 7.86
N ALA A 121 2.58 -1.64 8.08
CA ALA A 121 2.04 -2.43 6.97
C ALA A 121 0.80 -1.73 6.40
N LEU A 122 0.70 -1.61 5.08
CA LEU A 122 -0.46 -0.99 4.47
C LEU A 122 -1.00 -1.88 3.35
N SER A 123 -2.32 -2.06 3.28
CA SER A 123 -2.93 -2.90 2.27
C SER A 123 -3.73 -2.04 1.29
N LEU A 124 -3.58 -2.26 -0.01
CA LEU A 124 -4.32 -1.49 -1.00
C LEU A 124 -5.19 -2.41 -1.86
N VAL A 125 -6.43 -1.99 -2.13
CA VAL A 125 -7.33 -2.79 -2.89
C VAL A 125 -7.66 -1.94 -4.09
N TYR A 126 -7.21 -2.34 -5.27
CA TYR A 126 -7.25 -1.45 -6.43
C TYR A 126 -8.15 -1.85 -7.59
N ARG A 127 -9.44 -1.98 -7.24
CA ARG A 127 -10.55 -2.43 -8.13
C ARG A 127 -10.78 -1.76 -9.48
N GLU A 128 -10.71 -2.50 -10.58
CA GLU A 128 -10.92 -2.03 -11.96
C GLU A 128 -9.95 -0.93 -12.29
N GLY A 129 -8.76 -1.02 -11.69
CA GLY A 129 -7.72 -0.03 -11.90
C GLY A 129 -7.81 1.23 -11.08
N ARG A 130 -8.75 1.29 -10.15
CA ARG A 130 -8.88 2.45 -9.32
C ARG A 130 -8.62 2.04 -7.89
N LEU A 131 -7.97 2.91 -7.09
CA LEU A 131 -7.74 2.68 -5.68
C LEU A 131 -9.06 2.82 -4.95
N THR A 132 -9.62 1.74 -4.44
CA THR A 132 -10.87 1.85 -3.71
C THR A 132 -10.65 1.94 -2.21
N ARG A 133 -9.66 1.21 -1.69
CA ARG A 133 -9.43 1.25 -0.25
C ARG A 133 -8.01 0.94 0.23
N ALA A 134 -7.54 1.68 1.22
CA ALA A 134 -6.28 1.42 1.88
C ALA A 134 -6.55 1.17 3.36
N SER A 135 -5.94 0.14 3.92
CA SER A 135 -6.19 -0.14 5.31
C SER A 135 -4.99 -0.67 6.05
N THR A 136 -5.01 -0.59 7.37
CA THR A 136 -3.90 -1.09 8.19
C THR A 136 -4.06 -2.60 8.39
N ARG A 137 -3.03 -3.25 8.93
CA ARG A 137 -3.05 -4.69 9.17
C ARG A 137 -4.13 -5.13 10.16
N GLY A 138 -4.20 -4.47 11.31
CA GLY A 138 -5.15 -4.87 12.33
C GLY A 138 -4.85 -6.26 12.84
N ASP A 139 -5.86 -7.10 13.01
CA ASP A 139 -5.65 -8.47 13.49
C ASP A 139 -5.44 -9.50 12.37
N GLY A 140 -5.42 -9.05 11.12
CA GLY A 140 -5.22 -9.89 9.96
C GLY A 140 -6.49 -10.15 9.19
N ARG A 141 -7.64 -10.02 9.82
CA ARG A 141 -8.90 -10.19 9.10
C ARG A 141 -9.49 -8.83 8.73
N THR A 142 -9.53 -7.93 9.69
CA THR A 142 -10.10 -6.60 9.55
C THR A 142 -9.04 -5.57 9.97
N GLY A 143 -8.99 -4.24 9.51
CA GLY A 143 -8.07 -3.18 9.87
C GLY A 143 -8.77 -1.85 9.85
N GLU A 144 -8.03 -0.79 10.12
CA GLU A 144 -8.59 0.53 10.15
C GLU A 144 -8.57 1.10 8.76
N ASP A 145 -9.54 1.95 8.45
CA ASP A 145 -9.64 2.55 7.13
C ASP A 145 -8.84 3.84 7.04
N VAL A 146 -7.72 3.83 6.31
CA VAL A 146 -6.91 5.03 6.14
C VAL A 146 -6.77 5.31 4.65
N THR A 147 -7.84 5.09 3.92
CA THR A 147 -7.86 5.29 2.47
C THR A 147 -7.51 6.70 2.04
N LEU A 148 -8.12 7.69 2.69
CA LEU A 148 -7.87 9.08 2.32
C LEU A 148 -6.40 9.41 2.47
N ASN A 149 -5.81 9.01 3.59
CA ASN A 149 -4.40 9.28 3.87
C ASN A 149 -3.48 8.56 2.89
N ALA A 150 -3.90 7.37 2.47
CA ALA A 150 -3.14 6.58 1.52
C ALA A 150 -3.17 7.24 0.15
N ARG A 151 -4.21 7.99 -0.16
CA ARG A 151 -4.30 8.65 -1.45
C ARG A 151 -3.32 9.82 -1.56
N THR A 152 -2.92 10.37 -0.43
CA THR A 152 -2.01 11.47 -0.48
C THR A 152 -0.54 11.10 -0.63
N ILE A 153 -0.19 9.85 -0.41
CA ILE A 153 1.20 9.45 -0.53
C ILE A 153 1.66 9.64 -1.99
N ALA A 154 2.81 10.24 -2.22
CA ALA A 154 3.28 10.44 -3.58
C ALA A 154 3.46 9.13 -4.35
N ASP A 155 3.96 8.13 -3.65
CA ASP A 155 4.26 6.82 -4.21
C ASP A 155 3.05 5.97 -4.54
N VAL A 156 1.90 6.31 -3.98
CA VAL A 156 0.69 5.53 -4.22
C VAL A 156 -0.14 6.12 -5.36
N PRO A 157 -0.21 5.42 -6.50
CA PRO A 157 -0.98 5.99 -7.59
C PRO A 157 -2.47 5.72 -7.43
N GLU A 158 -3.32 6.65 -7.82
CA GLU A 158 -4.75 6.45 -7.74
C GLU A 158 -5.22 5.47 -8.78
N ARG A 159 -4.60 5.51 -9.95
CA ARG A 159 -5.03 4.63 -11.00
C ARG A 159 -3.93 3.74 -11.56
N LEU A 160 -4.27 2.54 -11.97
CA LEU A 160 -3.26 1.67 -12.50
C LEU A 160 -2.93 2.04 -13.93
N THR A 161 -1.67 1.86 -14.33
CA THR A 161 -1.23 2.13 -15.70
C THR A 161 -1.59 0.95 -16.58
N PRO A 162 -2.49 1.16 -17.55
CA PRO A 162 -2.83 0.03 -18.41
C PRO A 162 -1.78 -0.31 -19.48
N GLY A 163 -1.69 -1.58 -19.85
CA GLY A 163 -0.73 -2.02 -20.85
C GLY A 163 -1.09 -3.38 -21.39
N ASP A 164 -0.64 -3.84 -22.59
CA ASP A 164 -1.03 -5.13 -23.12
C ASP A 164 -0.33 -6.27 -22.41
N ASP A 165 0.95 -6.07 -22.13
CA ASP A 165 1.77 -7.08 -21.47
C ASP A 165 1.09 -7.56 -20.20
N TYR A 166 0.74 -6.62 -19.35
CA TYR A 166 0.08 -6.93 -18.09
C TYR A 166 -1.26 -6.19 -18.02
N PRO A 167 -2.34 -6.87 -18.46
CA PRO A 167 -3.65 -6.20 -18.45
C PRO A 167 -4.07 -5.79 -17.05
N VAL A 168 -4.73 -4.64 -16.89
CA VAL A 168 -5.16 -4.20 -15.57
C VAL A 168 -6.07 -5.26 -14.95
N PRO A 169 -5.79 -5.68 -13.70
CA PRO A 169 -6.66 -6.74 -13.19
C PRO A 169 -8.00 -6.23 -12.69
N GLU A 170 -8.94 -7.14 -12.47
CA GLU A 170 -10.26 -6.76 -11.98
C GLU A 170 -10.29 -6.23 -10.56
N VAL A 171 -9.93 -7.05 -9.58
CA VAL A 171 -9.96 -6.67 -8.21
C VAL A 171 -8.57 -7.04 -7.83
N LEU A 172 -7.78 -6.09 -7.34
CA LEU A 172 -6.39 -6.38 -6.98
C LEU A 172 -6.03 -5.88 -5.57
N GLU A 173 -5.53 -6.76 -4.71
CA GLU A 173 -5.16 -6.36 -3.36
C GLU A 173 -3.63 -6.35 -3.23
N VAL A 174 -2.98 -5.20 -3.11
CA VAL A 174 -1.53 -5.24 -2.99
C VAL A 174 -1.03 -4.78 -1.62
N ARG A 175 -0.38 -5.66 -0.85
CA ARG A 175 0.15 -5.26 0.44
C ARG A 175 1.42 -4.49 0.21
N GLY A 176 1.86 -3.60 1.17
CA GLY A 176 3.09 -2.82 1.18
C GLY A 176 3.45 -2.25 2.53
N GLU A 177 4.49 -1.40 2.60
CA GLU A 177 4.93 -0.83 3.85
C GLU A 177 5.13 0.67 3.68
N VAL A 178 4.63 1.47 4.61
CA VAL A 178 4.81 2.90 4.52
C VAL A 178 5.97 3.21 5.44
N PHE A 179 6.82 4.14 5.05
CA PHE A 179 7.97 4.48 5.85
C PHE A 179 8.47 5.87 5.50
N PHE A 180 9.43 6.36 6.28
CA PHE A 180 10.05 7.64 6.04
C PHE A 180 11.51 7.44 5.73
N ARG A 181 12.08 8.31 4.91
CA ARG A 181 13.51 8.24 4.65
C ARG A 181 14.17 8.90 5.85
N LEU A 182 15.38 8.46 6.18
CA LEU A 182 16.11 8.98 7.34
C LEU A 182 16.20 10.50 7.33
N ASP A 183 16.54 11.07 6.18
CA ASP A 183 16.67 12.52 6.07
C ASP A 183 15.35 13.21 6.35
N ASP A 184 14.28 12.71 5.74
CA ASP A 184 12.96 13.29 5.92
C ASP A 184 12.46 13.13 7.34
N PHE A 185 12.82 12.03 7.97
CA PHE A 185 12.42 11.76 9.34
C PHE A 185 12.93 12.88 10.23
N GLN A 186 14.21 13.21 10.07
CA GLN A 186 14.83 14.26 10.85
C GLN A 186 14.23 15.61 10.50
N ALA A 187 13.96 15.80 9.22
CA ALA A 187 13.39 17.05 8.73
C ALA A 187 12.02 17.32 9.33
N LEU A 188 11.16 16.30 9.30
CA LEU A 188 9.82 16.42 9.84
C LEU A 188 9.86 16.69 11.33
N ASN A 189 10.82 16.09 12.02
CA ASN A 189 10.96 16.29 13.45
C ASN A 189 11.30 17.74 13.73
N ALA A 190 12.18 18.29 12.90
CA ALA A 190 12.58 19.67 13.06
C ALA A 190 11.40 20.59 12.82
N SER A 191 10.59 20.27 11.83
CA SER A 191 9.45 21.11 11.54
C SER A 191 8.48 21.02 12.70
N LEU A 192 8.36 19.83 13.28
CA LEU A 192 7.46 19.57 14.40
C LEU A 192 7.81 20.39 15.64
N VAL A 193 9.08 20.37 16.02
CA VAL A 193 9.53 21.13 17.19
C VAL A 193 9.47 22.62 16.93
N GLU A 194 9.54 23.00 15.66
CA GLU A 194 9.49 24.40 15.29
C GLU A 194 8.11 24.98 15.60
N GLU A 195 7.08 24.15 15.45
CA GLU A 195 5.72 24.60 15.69
C GLU A 195 5.14 24.16 17.03
N GLY A 196 6.01 23.78 17.97
CA GLY A 196 5.59 23.37 19.28
C GLY A 196 5.15 21.93 19.48
N LYS A 197 5.17 21.14 18.40
CA LYS A 197 4.75 19.76 18.48
C LYS A 197 5.89 18.85 18.94
N ALA A 198 5.56 17.75 19.60
CA ALA A 198 6.56 16.81 20.08
C ALA A 198 7.15 15.96 18.97
N PRO A 199 8.48 15.78 18.95
CA PRO A 199 9.11 14.99 17.90
C PRO A 199 9.00 13.48 18.13
N PHE A 200 9.19 12.69 17.09
CA PHE A 200 9.09 11.26 17.26
C PHE A 200 10.39 10.56 17.61
N ALA A 201 10.32 9.49 18.39
CA ALA A 201 11.54 8.79 18.76
C ALA A 201 12.20 8.02 17.61
N ASN A 202 11.41 7.51 16.67
CA ASN A 202 12.01 6.79 15.56
C ASN A 202 11.20 6.96 14.28
N PRO A 203 11.76 6.57 13.11
CA PRO A 203 10.94 6.69 11.90
C PRO A 203 9.72 5.78 11.84
N ARG A 204 9.74 4.63 12.50
CA ARG A 204 8.58 3.76 12.45
C ARG A 204 7.41 4.48 13.09
N ASN A 205 7.62 5.01 14.29
CA ASN A 205 6.59 5.73 15.01
C ASN A 205 6.16 6.97 14.24
N SER A 206 7.14 7.64 13.64
CA SER A 206 6.87 8.86 12.88
C SER A 206 5.98 8.57 11.68
N ALA A 207 6.28 7.48 10.98
CA ALA A 207 5.48 7.12 9.83
C ALA A 207 4.09 6.66 10.23
N ALA A 208 4.02 5.90 11.32
CA ALA A 208 2.73 5.41 11.79
C ALA A 208 1.85 6.59 12.14
N GLY A 209 2.41 7.58 12.82
CA GLY A 209 1.67 8.76 13.22
C GLY A 209 1.24 9.61 12.06
N SER A 210 2.12 9.75 11.09
CA SER A 210 1.83 10.57 9.94
C SER A 210 0.74 9.93 9.09
N LEU A 211 0.63 8.61 9.13
CA LEU A 211 -0.40 7.91 8.35
C LEU A 211 -1.74 7.98 9.07
N ARG A 212 -1.73 7.67 10.36
CA ARG A 212 -2.93 7.66 11.18
C ARG A 212 -3.35 9.06 11.58
N GLN A 213 -3.87 9.82 10.64
CA GLN A 213 -4.29 11.16 10.94
C GLN A 213 -5.77 11.24 10.66
N LYS A 214 -6.54 11.87 11.55
CA LYS A 214 -7.99 11.99 11.36
C LYS A 214 -8.27 12.89 10.18
N ASP A 215 -7.39 13.86 9.95
CA ASP A 215 -7.50 14.80 8.85
C ASP A 215 -6.39 14.46 7.84
N PRO A 216 -6.77 14.03 6.63
CA PRO A 216 -5.75 13.63 5.65
C PRO A 216 -4.86 14.75 5.09
N ALA A 217 -5.21 16.01 5.28
CA ALA A 217 -4.37 17.09 4.79
C ALA A 217 -3.03 17.05 5.51
N VAL A 218 -3.06 16.65 6.77
CA VAL A 218 -1.86 16.56 7.57
C VAL A 218 -0.90 15.55 6.96
N THR A 219 -1.43 14.39 6.59
CA THR A 219 -0.63 13.32 6.00
C THR A 219 -0.12 13.71 4.63
N ALA A 220 -0.84 14.56 3.92
CA ALA A 220 -0.43 14.97 2.58
C ALA A 220 0.85 15.79 2.61
N ARG A 221 1.04 16.54 3.70
CA ARG A 221 2.20 17.38 3.87
C ARG A 221 3.49 16.61 4.15
N ARG A 222 3.38 15.48 4.83
CA ARG A 222 4.55 14.69 5.17
C ARG A 222 4.97 13.77 4.02
N ARG A 223 6.27 13.56 3.85
CA ARG A 223 6.79 12.75 2.77
C ARG A 223 6.80 11.25 3.04
N LEU A 224 5.63 10.65 3.12
CA LEU A 224 5.56 9.22 3.34
C LEU A 224 5.97 8.49 2.08
N ARG A 225 6.58 7.32 2.24
CA ARG A 225 7.01 6.51 1.12
C ARG A 225 6.26 5.20 1.18
N MET A 226 6.32 4.45 0.09
CA MET A 226 5.61 3.19 0.03
C MET A 226 6.34 2.21 -0.88
N ILE A 227 6.37 0.93 -0.52
CA ILE A 227 7.01 -0.08 -1.34
C ILE A 227 6.15 -1.32 -1.31
N CYS A 228 5.57 -1.73 -2.44
CA CYS A 228 4.72 -2.91 -2.43
C CYS A 228 5.52 -4.23 -2.35
N HIS A 229 5.26 -5.07 -1.34
CA HIS A 229 5.97 -6.33 -1.21
C HIS A 229 5.12 -7.59 -1.12
N GLY A 230 3.84 -7.54 -1.48
CA GLY A 230 2.99 -8.71 -1.39
C GLY A 230 1.71 -8.60 -2.19
N LEU A 231 1.02 -9.73 -2.40
CA LEU A 231 -0.19 -9.69 -3.17
C LEU A 231 -1.24 -10.35 -2.31
N GLY A 232 -2.43 -9.77 -2.22
CA GLY A 232 -3.48 -10.36 -1.44
C GLY A 232 -4.43 -11.01 -2.41
N HIS A 233 -5.72 -10.79 -2.27
CA HIS A 233 -6.68 -11.36 -3.17
C HIS A 233 -6.53 -10.68 -4.53
N VAL A 234 -6.34 -11.45 -5.60
CA VAL A 234 -6.22 -10.87 -6.93
C VAL A 234 -7.20 -11.58 -7.87
N GLU A 235 -7.84 -10.83 -8.77
CA GLU A 235 -8.70 -11.47 -9.74
C GLU A 235 -8.17 -11.11 -11.13
N GLY A 236 -8.25 -12.05 -12.07
CA GLY A 236 -7.80 -11.79 -13.42
C GLY A 236 -6.32 -11.51 -13.57
N PHE A 237 -5.51 -12.08 -12.68
CA PHE A 237 -4.06 -11.87 -12.73
C PHE A 237 -3.30 -13.19 -12.86
N ARG A 238 -3.48 -14.08 -11.91
CA ARG A 238 -2.81 -15.38 -11.90
C ARG A 238 -1.32 -15.27 -12.14
N PRO A 239 -0.60 -14.53 -11.30
CA PRO A 239 0.86 -14.45 -11.52
C PRO A 239 1.53 -15.77 -11.16
N ALA A 240 2.36 -16.31 -12.06
CA ALA A 240 3.00 -17.60 -11.84
C ALA A 240 3.87 -17.64 -10.61
N THR A 241 4.79 -16.69 -10.49
CA THR A 241 5.69 -16.63 -9.34
C THR A 241 5.64 -15.25 -8.69
N LEU A 242 6.19 -15.16 -7.49
CA LEU A 242 6.20 -13.87 -6.77
C LEU A 242 7.04 -12.83 -7.50
N HIS A 243 8.21 -13.23 -7.98
CA HIS A 243 9.08 -12.30 -8.67
C HIS A 243 8.44 -11.81 -9.96
N GLN A 244 7.68 -12.68 -10.62
CA GLN A 244 7.04 -12.35 -11.88
C GLN A 244 5.89 -11.40 -11.61
N ALA A 245 5.28 -11.53 -10.43
CA ALA A 245 4.19 -10.67 -10.04
C ALA A 245 4.69 -9.24 -9.88
N TYR A 246 5.94 -9.12 -9.47
CA TYR A 246 6.56 -7.82 -9.28
C TYR A 246 6.66 -7.03 -10.59
N LEU A 247 6.88 -7.74 -11.69
CA LEU A 247 6.97 -7.08 -12.98
C LEU A 247 5.62 -6.44 -13.23
N ALA A 248 4.56 -7.16 -12.86
CA ALA A 248 3.21 -6.69 -13.06
C ALA A 248 2.98 -5.38 -12.33
N LEU A 249 3.39 -5.33 -11.06
CA LEU A 249 3.25 -4.13 -10.25
C LEU A 249 4.02 -2.99 -10.89
N ARG A 250 5.20 -3.30 -11.40
CA ARG A 250 6.05 -2.33 -12.08
C ARG A 250 5.31 -1.77 -13.27
N ALA A 251 4.75 -2.65 -14.10
CA ALA A 251 4.02 -2.24 -15.27
C ALA A 251 2.78 -1.42 -14.90
N TRP A 252 2.18 -1.72 -13.76
CA TRP A 252 1.00 -0.97 -13.32
C TRP A 252 1.33 0.37 -12.63
N GLY A 253 2.60 0.69 -12.47
CA GLY A 253 2.99 1.94 -11.87
C GLY A 253 3.11 1.94 -10.36
N LEU A 254 3.21 0.75 -9.78
CA LEU A 254 3.28 0.66 -8.33
C LEU A 254 4.72 0.64 -7.86
N PRO A 255 4.95 1.17 -6.64
CA PRO A 255 6.34 1.20 -6.18
C PRO A 255 6.86 -0.18 -5.79
N VAL A 256 8.04 -0.56 -6.29
CA VAL A 256 8.62 -1.83 -5.95
C VAL A 256 10.06 -1.59 -5.55
N SER A 257 10.59 -2.42 -4.66
CA SER A 257 11.97 -2.26 -4.22
C SER A 257 12.95 -2.75 -5.27
N GLU A 258 14.16 -2.18 -5.29
CA GLU A 258 15.17 -2.57 -6.27
C GLU A 258 16.23 -3.51 -5.72
N HIS A 259 16.02 -4.01 -4.51
CA HIS A 259 16.99 -4.90 -3.89
C HIS A 259 16.41 -6.27 -3.66
N THR A 260 15.66 -6.76 -4.63
CA THR A 260 15.06 -8.08 -4.53
C THR A 260 15.83 -9.05 -5.43
N THR A 261 16.20 -10.21 -4.93
CA THR A 261 16.93 -11.17 -5.75
C THR A 261 16.34 -12.54 -5.53
N LEU A 262 16.55 -13.44 -6.48
CA LEU A 262 16.02 -14.78 -6.39
C LEU A 262 17.18 -15.72 -6.05
N ALA A 263 17.02 -16.56 -5.04
CA ALA A 263 18.07 -17.48 -4.67
C ALA A 263 17.59 -18.89 -4.97
N THR A 264 18.32 -19.67 -5.75
CA THR A 264 17.87 -21.01 -6.14
C THR A 264 17.83 -22.01 -5.00
N ASP A 265 18.70 -21.81 -4.01
CA ASP A 265 18.77 -22.74 -2.89
C ASP A 265 19.11 -22.01 -1.58
N LEU A 266 19.25 -22.74 -0.48
CA LEU A 266 19.54 -22.10 0.81
C LEU A 266 20.84 -21.32 0.83
N ALA A 267 21.83 -21.82 0.11
CA ALA A 267 23.15 -21.18 0.03
C ALA A 267 23.07 -19.78 -0.53
N GLY A 268 22.23 -19.59 -1.52
CA GLY A 268 22.06 -18.28 -2.12
C GLY A 268 21.41 -17.34 -1.11
N VAL A 269 20.46 -17.86 -0.36
CA VAL A 269 19.76 -17.08 0.66
C VAL A 269 20.73 -16.59 1.71
N ARG A 270 21.63 -17.46 2.12
CA ARG A 270 22.62 -17.14 3.15
C ARG A 270 23.53 -16.01 2.70
N GLU A 271 23.86 -15.98 1.42
CA GLU A 271 24.74 -14.94 0.91
C GLU A 271 24.09 -13.58 1.05
N ARG A 272 22.83 -13.50 0.65
CA ARG A 272 22.10 -12.25 0.73
C ARG A 272 21.98 -11.81 2.18
N ILE A 273 21.69 -12.75 3.07
CA ILE A 273 21.57 -12.42 4.48
C ILE A 273 22.89 -11.86 4.99
N ASP A 274 23.98 -12.52 4.62
CA ASP A 274 25.29 -12.07 5.06
C ASP A 274 25.59 -10.71 4.46
N TYR A 275 25.35 -10.58 3.16
CA TYR A 275 25.68 -9.35 2.43
C TYR A 275 24.99 -8.12 2.96
N TRP A 276 23.68 -8.26 3.18
CA TRP A 276 22.88 -7.18 3.69
C TRP A 276 23.17 -6.95 5.16
N GLY A 277 23.99 -7.79 5.78
CA GLY A 277 24.30 -7.60 7.18
C GLY A 277 25.30 -6.46 7.32
N GLU A 278 26.24 -6.41 6.38
CA GLU A 278 27.25 -5.38 6.40
C GLU A 278 26.79 -4.12 5.67
N HIS A 279 25.90 -4.29 4.70
CA HIS A 279 25.45 -3.16 3.90
C HIS A 279 24.06 -2.58 4.15
N ARG A 280 23.33 -3.07 5.14
CA ARG A 280 21.96 -2.58 5.35
C ARG A 280 21.85 -1.13 5.82
N HIS A 281 22.91 -0.55 6.36
CA HIS A 281 22.80 0.85 6.78
C HIS A 281 23.03 1.83 5.62
N GLU A 282 23.51 1.31 4.49
CA GLU A 282 23.78 2.12 3.30
C GLU A 282 22.49 2.56 2.62
N VAL A 283 21.41 1.83 2.89
CA VAL A 283 20.10 2.11 2.33
C VAL A 283 19.54 3.37 2.99
N ASP A 284 18.75 4.14 2.25
CA ASP A 284 18.19 5.39 2.78
C ASP A 284 17.00 5.26 3.75
N HIS A 285 16.57 4.05 4.03
CA HIS A 285 15.51 3.85 4.99
C HIS A 285 15.87 2.69 5.90
N GLU A 286 15.17 2.58 7.02
CA GLU A 286 15.44 1.54 8.00
C GLU A 286 15.17 0.12 7.50
N ILE A 287 16.22 -0.71 7.43
CA ILE A 287 16.09 -2.09 7.00
C ILE A 287 16.49 -2.95 8.18
N ASP A 288 15.54 -3.58 8.85
CA ASP A 288 15.87 -4.41 10.00
C ASP A 288 16.12 -5.87 9.66
N GLY A 289 15.91 -6.22 8.41
CA GLY A 289 16.00 -7.61 8.08
C GLY A 289 15.95 -8.11 6.66
N VAL A 290 16.02 -9.43 6.38
CA VAL A 290 15.87 -9.93 5.03
C VAL A 290 14.67 -10.86 5.07
N VAL A 291 13.75 -10.73 4.11
CA VAL A 291 12.57 -11.57 4.04
C VAL A 291 12.70 -12.64 2.96
N VAL A 292 12.62 -13.92 3.34
CA VAL A 292 12.75 -15.01 2.39
C VAL A 292 11.42 -15.73 2.14
N LYS A 293 10.97 -15.82 0.89
CA LYS A 293 9.72 -16.47 0.58
C LYS A 293 9.87 -17.47 -0.55
N VAL A 294 9.00 -18.47 -0.59
CA VAL A 294 9.04 -19.42 -1.68
C VAL A 294 8.42 -18.66 -2.86
N ASP A 295 9.16 -18.50 -3.94
CA ASP A 295 8.72 -17.71 -5.08
C ASP A 295 7.59 -18.26 -5.94
N GLU A 296 7.49 -19.57 -6.13
CA GLU A 296 6.43 -20.10 -6.97
C GLU A 296 5.06 -20.01 -6.31
N VAL A 297 4.06 -19.45 -6.99
CA VAL A 297 2.74 -19.34 -6.37
C VAL A 297 2.12 -20.70 -6.05
N ALA A 298 2.17 -21.58 -7.05
CA ALA A 298 1.58 -22.90 -6.96
C ALA A 298 2.21 -23.65 -5.83
N LEU A 299 3.53 -23.57 -5.71
CA LEU A 299 4.17 -24.29 -4.63
C LEU A 299 3.69 -23.72 -3.34
N GLN A 300 3.63 -22.40 -3.20
CA GLN A 300 3.20 -21.73 -1.94
C GLN A 300 1.90 -22.24 -1.34
N ARG A 301 0.96 -22.43 -2.22
CA ARG A 301 -0.39 -22.92 -1.97
C ARG A 301 -0.34 -24.26 -1.26
N ARG A 302 0.52 -25.14 -1.75
CA ARG A 302 0.67 -26.46 -1.18
C ARG A 302 1.15 -26.38 0.27
N LEU A 303 2.14 -25.55 0.52
CA LEU A 303 2.67 -25.41 1.86
C LEU A 303 1.59 -24.85 2.78
N GLY A 304 0.74 -24.01 2.20
CA GLY A 304 -0.36 -23.40 2.93
C GLY A 304 0.08 -22.36 3.94
N SER A 305 -0.81 -22.02 4.87
CA SER A 305 -0.52 -21.02 5.87
C SER A 305 -1.12 -21.43 7.20
N THR A 306 -0.45 -21.17 8.32
CA THR A 306 -0.97 -21.56 9.63
C THR A 306 -2.06 -20.57 10.17
N SER A 307 -2.50 -20.74 11.41
CA SER A 307 -3.50 -19.84 11.97
C SER A 307 -3.09 -18.37 11.91
N ARG A 308 -1.87 -18.04 12.30
CA ARG A 308 -1.47 -16.63 12.29
C ARG A 308 -0.23 -16.29 11.47
N ALA A 309 0.21 -17.19 10.61
CA ALA A 309 1.44 -16.98 9.80
C ALA A 309 1.60 -17.91 8.59
N PRO A 310 2.22 -17.40 7.52
CA PRO A 310 2.41 -18.26 6.36
C PRO A 310 3.55 -19.28 6.55
N ARG A 311 3.42 -20.50 6.04
CA ARG A 311 4.47 -21.49 6.19
C ARG A 311 5.53 -21.34 5.11
N TRP A 312 5.22 -20.59 4.05
CA TRP A 312 6.15 -20.44 2.96
C TRP A 312 7.07 -19.23 3.05
N ALA A 313 7.03 -18.49 4.15
CA ALA A 313 7.90 -17.34 4.28
C ALA A 313 8.42 -17.17 5.69
N ILE A 314 9.59 -16.57 5.82
CA ILE A 314 10.22 -16.34 7.10
C ILE A 314 11.07 -15.11 6.95
N ALA A 315 11.12 -14.28 8.00
CA ALA A 315 11.88 -13.05 7.97
C ALA A 315 13.11 -13.15 8.84
N TYR A 316 14.30 -13.04 8.27
CA TYR A 316 15.49 -13.09 9.10
C TYR A 316 15.65 -11.70 9.68
N LYS A 317 15.65 -11.56 11.01
CA LYS A 317 15.79 -10.25 11.61
C LYS A 317 17.19 -10.09 12.19
N TYR A 318 17.95 -9.09 11.73
CA TYR A 318 19.28 -8.88 12.25
C TYR A 318 19.22 -8.50 13.71
N PRO A 319 20.20 -8.96 14.50
CA PRO A 319 20.15 -8.63 15.93
C PRO A 319 20.35 -7.14 16.19
N PRO A 320 19.66 -6.58 17.18
CA PRO A 320 19.81 -5.16 17.48
C PRO A 320 21.20 -4.89 18.03
N GLU A 321 21.75 -3.71 17.74
CA GLU A 321 23.09 -3.37 18.22
C GLU A 321 23.13 -3.29 19.73
#